data_4B6S
#
_entry.id   4B6S
#
_cell.length_a   100.190
_cell.length_b   100.190
_cell.length_c   104.580
_cell.angle_alpha   90.00
_cell.angle_beta   90.00
_cell.angle_gamma   90.00
#
_symmetry.space_group_name_H-M   'P 42 2 2'
#
loop_
_entity.id
_entity.type
_entity.pdbx_description
1 polymer '3-DEHYDROQUINATE DEHYDRATASE'
2 non-polymer '(1R,2S,4S,5R)-2-(2,3,4,5,6-pentafluorophenyl)methyl-1,4,5-trihydroxy-3-oxocyclohexane-1-carboxylic acid'
3 non-polymer 'PHOSPHATE ION'
4 water water
#
_entity_poly.entity_id   1
_entity_poly.type   'polypeptide(L)'
_entity_poly.pdbx_seq_one_letter_code
;MKILVIQGPNLNMLGHRDPRLYGMVTLDQIHEIMQTFVKQGNLDVELEFFQTNFEGEIIDKIQESVGSDYEGIIINPGAF
SHTSIAIADAIMLAGKPVIEVHLTNIQAREEFRKNSYTGAACGGVIMGFGPLGYNMALMAMVNILAEMKAFQEAQKNNPN
NPINNQK
;
_entity_poly.pdbx_strand_id   A,B,C
#
# COMPACT_ATOMS: atom_id res chain seq x y z
N MET A 1 24.19 13.66 -16.21
CA MET A 1 23.58 12.94 -15.05
C MET A 1 22.13 12.64 -15.39
N LYS A 2 21.72 11.40 -15.23
CA LYS A 2 20.30 11.06 -15.27
C LYS A 2 19.74 11.24 -13.87
N ILE A 3 18.69 12.05 -13.77
CA ILE A 3 17.95 12.29 -12.53
C ILE A 3 16.56 11.71 -12.68
N LEU A 4 16.12 10.96 -11.68
CA LEU A 4 14.83 10.34 -11.71
C LEU A 4 13.84 11.20 -10.94
N VAL A 5 12.67 11.46 -11.52
CA VAL A 5 11.66 12.25 -10.85
C VAL A 5 10.48 11.35 -10.58
N ILE A 6 10.25 11.03 -9.30
CA ILE A 6 9.15 10.17 -8.91
C ILE A 6 7.98 10.95 -8.33
N GLN A 7 6.79 10.75 -8.89
CA GLN A 7 5.64 11.50 -8.44
C GLN A 7 4.64 10.50 -7.89
N GLY A 8 4.22 10.68 -6.64
CA GLY A 8 3.33 9.72 -5.98
C GLY A 8 1.85 9.85 -6.24
N PRO A 9 0.99 9.23 -5.39
CA PRO A 9 -0.42 9.12 -5.74
C PRO A 9 -1.15 10.47 -5.92
N ASN A 10 -2.01 10.52 -6.92
CA ASN A 10 -2.86 11.68 -7.23
C ASN A 10 -2.17 12.87 -7.88
N LEU A 11 -0.85 12.84 -7.99
CA LEU A 11 -0.09 13.95 -8.59
C LEU A 11 -0.42 14.10 -10.05
N ASN A 12 -0.77 12.98 -10.66
CA ASN A 12 -1.31 12.99 -12.01
C ASN A 12 -2.64 13.75 -12.17
N MET A 13 -3.29 14.11 -11.07
CA MET A 13 -4.58 14.81 -11.14
C MET A 13 -4.51 16.32 -11.03
N LEU A 14 -3.29 16.84 -10.94
CA LEU A 14 -3.02 18.30 -10.98
C LEU A 14 -3.60 18.98 -12.20
N GLY A 15 -4.24 20.12 -11.96
CA GLY A 15 -4.97 20.84 -12.99
C GLY A 15 -6.21 20.15 -13.50
N HIS A 16 -6.53 18.96 -12.98
CA HIS A 16 -7.79 18.31 -13.35
C HIS A 16 -8.76 18.24 -12.17
N ARG A 17 -8.43 18.98 -11.11
CA ARG A 17 -9.26 19.10 -9.89
C ARG A 17 -8.59 20.01 -8.86
N ASP A 18 -9.44 20.65 -8.05
CA ASP A 18 -9.01 21.56 -6.97
C ASP A 18 -8.05 22.69 -7.43
N PRO A 19 -8.50 23.58 -8.36
CA PRO A 19 -7.66 24.73 -8.74
C PRO A 19 -7.18 25.50 -7.52
N ARG A 20 -7.89 25.35 -6.41
CA ARG A 20 -7.69 26.20 -5.23
C ARG A 20 -6.36 25.98 -4.49
N LEU A 21 -6.24 24.82 -3.81
CA LEU A 21 -5.08 24.47 -2.96
C LEU A 21 -3.82 24.09 -3.74
N TYR A 22 -4.01 23.43 -4.89
CA TYR A 22 -2.94 23.19 -5.86
C TYR A 22 -3.09 24.24 -6.99
N GLY A 23 -2.54 24.00 -8.17
CA GLY A 23 -2.60 25.03 -9.21
C GLY A 23 -3.69 24.84 -10.24
N MET A 24 -3.38 25.16 -11.48
CA MET A 24 -4.19 24.73 -12.63
C MET A 24 -3.23 24.22 -13.71
N VAL A 25 -1.96 24.30 -13.35
CA VAL A 25 -0.83 23.72 -14.02
C VAL A 25 -0.92 22.19 -13.86
N THR A 26 -0.73 21.45 -14.96
CA THR A 26 -0.78 19.99 -14.93
C THR A 26 0.57 19.39 -14.60
N LEU A 27 0.57 18.09 -14.34
CA LEU A 27 1.80 17.37 -14.00
C LEU A 27 2.76 17.37 -15.19
N ASP A 28 2.25 17.09 -16.38
CA ASP A 28 3.03 17.21 -17.62
C ASP A 28 3.63 18.60 -17.81
N GLN A 29 2.87 19.65 -17.55
CA GLN A 29 3.41 21.02 -17.59
C GLN A 29 4.56 21.26 -16.61
N ILE A 30 4.45 20.75 -15.40
CA ILE A 30 5.55 20.81 -14.42
C ILE A 30 6.81 20.12 -14.96
N HIS A 31 6.61 19.00 -15.62
CA HIS A 31 7.70 18.24 -16.16
C HIS A 31 8.37 18.95 -17.34
N GLU A 32 7.55 19.64 -18.16
CA GLU A 32 8.06 20.52 -19.23
C GLU A 32 8.90 21.66 -18.66
N ILE A 33 8.41 22.26 -17.59
CA ILE A 33 9.07 23.38 -16.94
C ILE A 33 10.43 22.96 -16.39
N MET A 34 10.53 21.74 -15.89
CA MET A 34 11.79 21.20 -15.36
C MET A 34 12.81 20.98 -16.49
N GLN A 35 12.34 20.37 -17.58
CA GLN A 35 13.12 20.18 -18.81
C GLN A 35 13.62 21.54 -19.30
N THR A 36 12.72 22.52 -19.31
CA THR A 36 13.04 23.87 -19.74
C THR A 36 14.11 24.48 -18.85
N PHE A 37 14.02 24.25 -17.55
CA PHE A 37 14.99 24.73 -16.57
C PHE A 37 16.41 24.18 -16.80
N VAL A 38 16.49 22.90 -17.15
CA VAL A 38 17.73 22.22 -17.53
C VAL A 38 18.32 22.79 -18.83
N LYS A 39 17.48 22.81 -19.87
CA LYS A 39 17.94 23.16 -21.21
C LYS A 39 18.47 24.58 -21.22
N GLN A 40 17.72 25.50 -20.63
CA GLN A 40 18.18 26.88 -20.62
C GLN A 40 19.35 27.15 -19.68
N GLY A 41 19.48 26.36 -18.62
CA GLY A 41 20.68 26.42 -17.81
C GLY A 41 21.86 25.69 -18.45
N ASN A 42 21.65 25.11 -19.62
CA ASN A 42 22.62 24.20 -20.23
C ASN A 42 23.23 23.31 -19.15
N LEU A 43 22.35 22.64 -18.42
CA LEU A 43 22.79 21.65 -17.48
C LEU A 43 22.86 20.34 -18.25
N ASP A 44 23.84 19.54 -17.86
CA ASP A 44 24.02 18.21 -18.35
C ASP A 44 23.19 17.30 -17.45
N VAL A 45 21.89 17.31 -17.67
CA VAL A 45 20.96 16.53 -16.88
C VAL A 45 19.98 15.91 -17.86
N GLU A 46 19.76 14.59 -17.74
CA GLU A 46 18.71 13.88 -18.48
C GLU A 46 17.64 13.44 -17.49
N LEU A 47 16.50 14.11 -17.48
CA LEU A 47 15.44 13.78 -16.53
C LEU A 47 14.60 12.61 -17.00
N GLU A 48 14.24 11.74 -16.06
CA GLU A 48 13.34 10.62 -16.30
C GLU A 48 12.15 10.79 -15.38
N PHE A 49 10.92 10.76 -15.90
CA PHE A 49 9.70 10.97 -15.08
C PHE A 49 8.85 9.72 -14.86
N PHE A 50 8.35 9.55 -13.65
CA PHE A 50 7.59 8.40 -13.31
C PHE A 50 6.49 8.80 -12.33
N GLN A 51 5.24 8.63 -12.72
CA GLN A 51 4.19 8.83 -11.72
C GLN A 51 3.47 7.50 -11.48
N THR A 52 3.04 7.27 -10.24
CA THR A 52 2.26 6.09 -9.89
C THR A 52 1.40 6.33 -8.64
N ASN A 53 0.27 5.67 -8.57
CA ASN A 53 -0.56 5.62 -7.37
C ASN A 53 -0.27 4.40 -6.49
N PHE A 54 0.77 3.63 -6.82
CA PHE A 54 1.13 2.39 -6.13
C PHE A 54 2.39 2.54 -5.28
N GLU A 55 2.25 2.29 -3.99
CA GLU A 55 3.37 2.30 -3.11
C GLU A 55 4.47 1.37 -3.62
N GLY A 56 4.10 0.15 -3.98
CA GLY A 56 5.06 -0.87 -4.43
C GLY A 56 5.78 -0.49 -5.72
N GLU A 57 5.13 0.29 -6.59
CA GLU A 57 5.78 0.78 -7.83
C GLU A 57 6.83 1.82 -7.54
N ILE A 58 6.60 2.66 -6.52
CA ILE A 58 7.59 3.60 -6.02
C ILE A 58 8.79 2.86 -5.43
N ILE A 59 8.55 1.88 -4.56
CA ILE A 59 9.62 1.07 -3.99
C ILE A 59 10.40 0.34 -5.13
N ASP A 60 9.69 -0.30 -6.07
CA ASP A 60 10.35 -0.95 -7.24
C ASP A 60 11.33 0.02 -7.93
N LYS A 61 10.86 1.22 -8.20
CA LYS A 61 11.64 2.23 -8.93
C LYS A 61 12.88 2.74 -8.16
N ILE A 62 12.72 2.91 -6.86
CA ILE A 62 13.86 3.35 -6.04
C ILE A 62 14.93 2.26 -6.02
N GLN A 63 14.51 1.02 -5.82
CA GLN A 63 15.38 -0.15 -5.88
C GLN A 63 16.09 -0.29 -7.23
N GLU A 64 15.33 -0.14 -8.31
CA GLU A 64 15.86 -0.26 -9.66
C GLU A 64 16.97 0.75 -9.90
N SER A 65 16.92 1.86 -9.16
CA SER A 65 17.95 2.89 -9.24
C SER A 65 19.25 2.53 -8.51
N VAL A 66 19.24 1.49 -7.69
CA VAL A 66 20.44 1.07 -7.00
C VAL A 66 21.39 0.42 -8.01
N GLY A 67 22.57 1.00 -8.12
CA GLY A 67 23.58 0.51 -9.04
C GLY A 67 23.23 0.77 -10.49
N SER A 68 22.31 1.70 -10.71
CA SER A 68 21.96 2.07 -12.06
C SER A 68 22.78 3.27 -12.47
N ASP A 69 22.37 3.84 -13.60
CA ASP A 69 22.91 5.05 -14.21
C ASP A 69 22.37 6.35 -13.60
N TYR A 70 21.33 6.25 -12.78
CA TYR A 70 20.75 7.43 -12.12
C TYR A 70 21.65 7.86 -10.98
N GLU A 71 21.88 9.17 -10.90
CA GLU A 71 22.76 9.73 -9.90
C GLU A 71 21.97 10.39 -8.77
N GLY A 72 20.67 10.57 -8.97
CA GLY A 72 19.81 11.20 -7.96
C GLY A 72 18.33 11.07 -8.20
N ILE A 73 17.56 11.27 -7.14
CA ILE A 73 16.09 11.15 -7.17
C ILE A 73 15.46 12.38 -6.54
N ILE A 74 14.46 12.92 -7.23
CA ILE A 74 13.62 13.99 -6.70
C ILE A 74 12.28 13.31 -6.52
N ILE A 75 11.72 13.37 -5.33
CA ILE A 75 10.51 12.62 -5.05
C ILE A 75 9.41 13.42 -4.36
N ASN A 76 8.18 13.31 -4.86
CA ASN A 76 7.00 13.74 -4.11
C ASN A 76 6.15 12.47 -3.86
N PRO A 77 6.23 11.86 -2.66
CA PRO A 77 5.49 10.62 -2.41
C PRO A 77 4.03 10.84 -2.14
N GLY A 78 3.56 12.08 -2.18
CA GLY A 78 2.11 12.28 -2.11
C GLY A 78 1.66 11.90 -0.70
N ALA A 79 0.48 11.29 -0.57
CA ALA A 79 -0.02 10.90 0.75
C ALA A 79 0.81 9.78 1.43
N PHE A 80 1.57 9.02 0.64
CA PHE A 80 2.46 8.00 1.17
C PHE A 80 3.61 8.61 1.97
N SER A 81 3.85 9.90 1.82
CA SER A 81 4.85 10.57 2.69
C SER A 81 4.57 10.33 4.16
N HIS A 82 3.28 10.39 4.51
CA HIS A 82 2.85 10.40 5.90
C HIS A 82 2.70 9.00 6.46
N THR A 83 2.57 8.02 5.57
CA THR A 83 2.22 6.63 5.98
C THR A 83 3.31 5.57 5.71
N SER A 84 4.17 5.80 4.71
CA SER A 84 4.96 4.68 4.14
C SER A 84 6.33 4.58 4.74
N ILE A 85 6.45 3.78 5.80
CA ILE A 85 7.72 3.35 6.31
C ILE A 85 8.46 2.55 5.23
N ALA A 86 7.73 1.77 4.43
CA ALA A 86 8.31 0.95 3.33
C ALA A 86 9.06 1.80 2.32
N ILE A 87 8.42 2.87 1.87
CA ILE A 87 9.09 3.80 0.98
C ILE A 87 10.23 4.49 1.72
N ALA A 88 10.08 4.83 2.99
CA ALA A 88 11.20 5.43 3.69
C ALA A 88 12.42 4.50 3.74
N ASP A 89 12.17 3.22 3.99
CA ASP A 89 13.21 2.19 4.02
C ASP A 89 13.94 2.11 2.67
N ALA A 90 13.18 2.11 1.57
CA ALA A 90 13.74 2.14 0.22
C ALA A 90 14.66 3.37 0.04
N ILE A 91 14.16 4.56 0.34
CA ILE A 91 15.00 5.79 0.35
C ILE A 91 16.27 5.63 1.13
N MET A 92 16.21 5.00 2.31
CA MET A 92 17.42 4.83 3.11
C MET A 92 18.51 3.99 2.45
N LEU A 93 18.15 3.06 1.59
CA LEU A 93 19.16 2.23 0.95
C LEU A 93 19.45 2.68 -0.48
N ALA A 94 18.98 3.87 -0.86
CA ALA A 94 19.07 4.26 -2.27
C ALA A 94 20.49 4.49 -2.75
N GLY A 95 21.36 4.94 -1.83
CA GLY A 95 22.78 5.13 -2.14
C GLY A 95 23.14 6.34 -2.98
N LYS A 96 22.24 7.32 -3.00
CA LYS A 96 22.39 8.52 -3.81
C LYS A 96 21.44 9.55 -3.25
N PRO A 97 21.65 10.85 -3.56
CA PRO A 97 20.83 11.91 -3.02
C PRO A 97 19.37 11.76 -3.40
N VAL A 98 18.49 11.93 -2.42
CA VAL A 98 17.04 11.88 -2.65
C VAL A 98 16.49 13.14 -2.02
N ILE A 99 15.71 13.89 -2.78
CA ILE A 99 15.14 15.15 -2.33
C ILE A 99 13.63 15.02 -2.38
N GLU A 100 13.00 15.40 -1.27
CA GLU A 100 11.55 15.37 -1.19
C GLU A 100 10.97 16.71 -1.50
N VAL A 101 9.93 16.73 -2.32
CA VAL A 101 9.21 17.95 -2.68
C VAL A 101 7.73 17.78 -2.36
N HIS A 102 7.12 18.82 -1.76
CA HIS A 102 5.68 18.94 -1.69
C HIS A 102 5.24 20.24 -2.30
N LEU A 103 4.14 20.22 -3.05
CA LEU A 103 3.56 21.46 -3.58
C LEU A 103 3.09 22.33 -2.43
N THR A 104 2.51 21.72 -1.42
CA THR A 104 1.89 22.47 -0.37
C THR A 104 2.78 22.43 0.84
N ASN A 105 2.52 23.34 1.78
CA ASN A 105 3.22 23.33 3.05
C ASN A 105 2.56 22.35 4.02
N ILE A 106 3.21 21.21 4.26
CA ILE A 106 2.61 20.14 5.06
C ILE A 106 2.62 20.37 6.56
N GLN A 107 3.29 21.45 7.00
CA GLN A 107 3.26 21.94 8.40
C GLN A 107 1.99 22.76 8.67
N ALA A 108 1.22 23.11 7.63
CA ALA A 108 0.15 24.12 7.73
C ALA A 108 -1.22 23.60 7.31
N ARG A 109 -1.41 22.28 7.34
CA ARG A 109 -2.66 21.67 6.92
C ARG A 109 -3.10 20.77 8.06
N GLU A 110 -3.80 19.68 7.76
CA GLU A 110 -4.33 18.77 8.77
C GLU A 110 -3.22 18.16 9.61
N GLU A 111 -3.54 17.71 10.82
CA GLU A 111 -2.51 17.17 11.70
C GLU A 111 -1.89 15.91 11.08
N PHE A 112 -2.68 15.15 10.34
CA PHE A 112 -2.25 13.86 9.77
C PHE A 112 -1.25 14.01 8.64
N ARG A 113 -1.08 15.23 8.11
CA ARG A 113 -0.08 15.49 7.09
C ARG A 113 1.29 15.92 7.65
N LYS A 114 1.40 16.17 8.95
CA LYS A 114 2.61 16.76 9.48
C LYS A 114 3.80 15.81 9.46
N ASN A 115 3.56 14.56 9.82
CA ASN A 115 4.65 13.58 9.77
C ASN A 115 5.05 13.28 8.33
N SER A 116 6.36 13.20 8.05
CA SER A 116 6.77 12.62 6.78
C SER A 116 7.84 11.60 7.08
N TYR A 117 7.48 10.30 7.08
CA TYR A 117 8.51 9.25 7.16
C TYR A 117 9.52 9.36 6.06
N THR A 118 9.02 9.63 4.86
CA THR A 118 9.88 9.69 3.70
C THR A 118 10.80 10.90 3.76
N GLY A 119 10.30 12.04 4.25
CA GLY A 119 11.08 13.26 4.32
C GLY A 119 12.25 13.14 5.27
N ALA A 120 12.01 12.48 6.40
CA ALA A 120 13.05 12.19 7.37
C ALA A 120 14.11 11.27 6.79
N ALA A 121 13.77 10.47 5.77
CA ALA A 121 14.80 9.60 5.15
C ALA A 121 15.59 10.28 4.05
N CYS A 122 14.96 11.28 3.43
CA CYS A 122 15.58 12.14 2.44
C CYS A 122 16.62 13.11 3.04
N GLY A 123 17.61 13.49 2.23
CA GLY A 123 18.58 14.45 2.71
C GLY A 123 18.01 15.86 2.92
N GLY A 124 17.00 16.24 2.15
CA GLY A 124 16.47 17.58 2.20
C GLY A 124 15.03 17.55 1.76
N VAL A 125 14.26 18.55 2.19
CA VAL A 125 12.81 18.60 1.95
C VAL A 125 12.51 20.04 1.57
N ILE A 126 11.73 20.19 0.51
CA ILE A 126 11.23 21.46 0.02
C ILE A 126 9.72 21.39 0.02
N MET A 127 9.06 22.38 0.64
CA MET A 127 7.62 22.42 0.64
C MET A 127 6.97 23.80 0.57
N GLY A 128 5.85 23.86 -0.13
CA GLY A 128 4.96 25.01 -0.05
C GLY A 128 5.26 26.11 -1.05
N PHE A 129 6.02 25.76 -2.09
CA PHE A 129 6.38 26.68 -3.19
C PHE A 129 5.60 26.32 -4.46
N GLY A 130 4.75 25.31 -4.39
CA GLY A 130 4.03 24.90 -5.58
C GLY A 130 5.00 24.32 -6.57
N PRO A 131 4.66 24.41 -7.87
CA PRO A 131 5.45 23.76 -8.93
C PRO A 131 6.90 24.18 -8.96
N LEU A 132 7.17 25.39 -8.51
CA LEU A 132 8.53 25.93 -8.39
C LEU A 132 9.46 25.05 -7.53
N GLY A 133 8.88 24.40 -6.52
CA GLY A 133 9.64 23.48 -5.65
C GLY A 133 10.48 22.49 -6.42
N TYR A 134 9.95 22.01 -7.53
CA TYR A 134 10.64 21.04 -8.37
C TYR A 134 11.89 21.60 -9.05
N ASN A 135 11.81 22.86 -9.49
CA ASN A 135 12.99 23.54 -10.05
C ASN A 135 14.03 23.84 -8.97
N MET A 136 13.57 24.21 -7.77
CA MET A 136 14.44 24.29 -6.60
C MET A 136 15.15 23.00 -6.28
N ALA A 137 14.44 21.88 -6.43
CA ALA A 137 15.06 20.55 -6.21
C ALA A 137 16.06 20.24 -7.29
N LEU A 138 15.79 20.65 -8.53
CA LEU A 138 16.79 20.52 -9.59
C LEU A 138 18.03 21.30 -9.33
N MET A 139 17.90 22.58 -9.02
CA MET A 139 19.06 23.38 -8.61
C MET A 139 19.87 22.72 -7.50
N ALA A 140 19.20 22.22 -6.47
CA ALA A 140 19.89 21.65 -5.33
C ALA A 140 20.64 20.40 -5.76
N MET A 141 19.95 19.51 -6.47
CA MET A 141 20.52 18.24 -6.95
C MET A 141 21.82 18.40 -7.78
N VAL A 142 21.78 19.27 -8.78
CA VAL A 142 22.99 19.64 -9.53
C VAL A 142 24.09 20.12 -8.57
N ASN A 143 23.75 21.00 -7.64
CA ASN A 143 24.77 21.49 -6.72
C ASN A 143 25.31 20.42 -5.79
N ILE A 144 24.42 19.56 -5.26
CA ILE A 144 24.85 18.41 -4.45
C ILE A 144 25.75 17.47 -5.23
N LEU A 145 25.38 17.16 -6.45
CA LEU A 145 26.17 16.23 -7.26
C LEU A 145 27.56 16.79 -7.60
N ALA A 146 27.61 18.06 -7.99
CA ALA A 146 28.88 18.74 -8.33
C ALA A 146 29.81 18.82 -7.14
N GLU A 147 29.24 19.05 -5.97
CA GLU A 147 30.02 19.14 -4.75
C GLU A 147 30.55 17.74 -4.42
N MET A 148 29.68 16.73 -4.43
CA MET A 148 30.09 15.34 -4.24
C MET A 148 31.25 14.88 -5.13
N LYS A 149 31.20 15.26 -6.41
CA LYS A 149 32.21 14.90 -7.42
C LYS A 149 33.56 15.61 -7.16
N ALA A 150 33.51 16.92 -6.92
CA ALA A 150 34.68 17.71 -6.61
C ALA A 150 35.37 17.15 -5.38
N PHE A 151 34.58 16.51 -4.52
CA PHE A 151 35.08 15.91 -3.29
C PHE A 151 35.80 14.60 -3.56
N GLN A 152 35.31 13.85 -4.55
CA GLN A 152 35.89 12.56 -4.93
C GLN A 152 37.25 12.72 -5.63
N GLU A 153 37.43 13.85 -6.31
CA GLU A 153 38.72 14.18 -6.90
C GLU A 153 39.63 14.95 -5.92
N ALA A 154 39.02 15.67 -4.98
CA ALA A 154 39.78 16.29 -3.89
C ALA A 154 40.50 15.24 -3.05
N GLN A 155 39.90 14.05 -2.98
CA GLN A 155 40.37 12.99 -2.10
C GLN A 155 41.27 11.97 -2.76
N LYS A 156 40.97 11.61 -4.00
CA LYS A 156 41.82 10.67 -4.75
C LYS A 156 43.25 11.21 -4.91
N ASN A 157 43.38 12.54 -4.84
CA ASN A 157 44.67 13.25 -4.94
C ASN A 157 45.40 13.49 -3.61
N ASN A 158 44.83 13.02 -2.50
CA ASN A 158 45.51 12.95 -1.19
C ASN A 158 44.71 12.14 -0.17
N MET B 1 4.91 -31.60 3.01
CA MET B 1 4.13 -30.33 3.23
C MET B 1 4.63 -29.23 2.33
N LYS B 2 3.71 -28.51 1.68
CA LYS B 2 4.07 -27.27 0.99
C LYS B 2 3.93 -26.10 1.97
N ILE B 3 5.06 -25.44 2.26
CA ILE B 3 5.10 -24.21 3.08
C ILE B 3 5.42 -22.99 2.20
N LEU B 4 4.58 -21.95 2.31
CA LEU B 4 4.77 -20.73 1.52
C LEU B 4 5.54 -19.71 2.35
N VAL B 5 6.56 -19.12 1.74
CA VAL B 5 7.45 -18.17 2.41
C VAL B 5 7.31 -16.81 1.72
N ILE B 6 6.62 -15.90 2.41
CA ILE B 6 6.39 -14.55 1.89
C ILE B 6 7.34 -13.52 2.49
N GLN B 7 7.99 -12.80 1.60
CA GLN B 7 8.99 -11.80 1.94
C GLN B 7 8.51 -10.46 1.43
N GLY B 8 8.31 -9.54 2.35
CA GLY B 8 7.73 -8.25 2.04
C GLY B 8 8.73 -7.20 1.54
N PRO B 9 8.32 -5.92 1.62
CA PRO B 9 9.08 -4.87 0.93
C PRO B 9 10.53 -4.71 1.38
N ASN B 10 11.41 -4.56 0.38
CA ASN B 10 12.84 -4.33 0.59
C ASN B 10 13.64 -5.53 1.08
N LEU B 11 13.00 -6.67 1.30
CA LEU B 11 13.72 -7.88 1.67
C LEU B 11 14.60 -8.37 0.52
N ASN B 12 14.18 -8.09 -0.72
CA ASN B 12 15.05 -8.38 -1.89
C ASN B 12 16.36 -7.62 -1.94
N MET B 13 16.48 -6.56 -1.16
CA MET B 13 17.69 -5.76 -1.10
C MET B 13 18.68 -6.22 -0.08
N LEU B 14 18.36 -7.27 0.67
CA LEU B 14 19.34 -7.84 1.58
C LEU B 14 20.67 -8.09 0.88
N GLY B 15 21.77 -7.76 1.56
CA GLY B 15 23.14 -7.93 1.03
C GLY B 15 23.51 -7.08 -0.18
N HIS B 16 22.55 -6.32 -0.69
CA HIS B 16 22.79 -5.28 -1.71
C HIS B 16 22.73 -3.92 -1.01
N ARG B 17 23.00 -4.00 0.29
CA ARG B 17 23.60 -2.94 1.12
C ARG B 17 22.81 -2.46 2.33
N ASP B 18 23.59 -1.88 3.25
CA ASP B 18 23.46 -1.87 4.72
C ASP B 18 24.00 -3.20 5.29
N PRO B 19 25.31 -3.48 5.07
CA PRO B 19 25.88 -4.76 5.48
C PRO B 19 26.12 -4.75 6.97
N ARG B 20 25.72 -3.67 7.61
CA ARG B 20 25.99 -3.40 9.01
C ARG B 20 24.78 -3.75 9.90
N LEU B 21 23.64 -3.14 9.59
CA LEU B 21 22.37 -3.34 10.31
C LEU B 21 21.62 -4.62 9.88
N TYR B 22 21.89 -5.10 8.66
CA TYR B 22 21.23 -6.31 8.14
C TYR B 22 22.15 -7.47 7.69
N GLY B 23 23.47 -7.27 7.63
CA GLY B 23 24.41 -8.29 7.11
C GLY B 23 24.59 -8.28 5.60
N MET B 24 25.37 -9.24 5.07
CA MET B 24 25.75 -9.21 3.63
C MET B 24 25.35 -10.46 2.82
N VAL B 25 24.66 -11.37 3.51
CA VAL B 25 23.86 -12.46 2.95
C VAL B 25 22.66 -11.90 2.16
N THR B 26 22.34 -12.53 1.03
CA THR B 26 21.20 -12.15 0.21
C THR B 26 19.91 -12.94 0.52
N LEU B 27 18.79 -12.40 0.06
CA LEU B 27 17.54 -13.11 0.21
C LEU B 27 17.63 -14.49 -0.44
N ASP B 28 18.22 -14.55 -1.63
CA ASP B 28 18.40 -15.84 -2.34
C ASP B 28 19.21 -16.80 -1.51
N GLN B 29 20.29 -16.34 -0.90
CA GLN B 29 21.06 -17.17 0.02
C GLN B 29 20.27 -17.68 1.22
N ILE B 30 19.46 -16.83 1.85
CA ILE B 30 18.61 -17.28 2.98
C ILE B 30 17.68 -18.40 2.56
N HIS B 31 17.10 -18.26 1.38
CA HIS B 31 16.21 -19.26 0.90
C HIS B 31 16.91 -20.60 0.60
N GLU B 32 18.14 -20.51 0.10
CA GLU B 32 19.02 -21.68 -0.09
C GLU B 32 19.23 -22.39 1.26
N ILE B 33 19.52 -21.62 2.31
CA ILE B 33 19.76 -22.14 3.66
C ILE B 33 18.56 -22.88 4.23
N MET B 34 17.38 -22.39 3.90
CA MET B 34 16.13 -22.97 4.35
C MET B 34 15.93 -24.31 3.66
N GLN B 35 16.16 -24.32 2.34
CA GLN B 35 16.13 -25.53 1.53
C GLN B 35 17.07 -26.61 2.05
N THR B 36 18.26 -26.17 2.47
CA THR B 36 19.30 -27.03 3.01
C THR B 36 18.96 -27.54 4.39
N PHE B 37 18.20 -26.77 5.15
CA PHE B 37 17.74 -27.19 6.47
C PHE B 37 16.65 -28.26 6.29
N VAL B 38 15.83 -28.17 5.24
CA VAL B 38 14.86 -29.21 4.92
C VAL B 38 15.54 -30.51 4.46
N LYS B 39 16.32 -30.42 3.39
CA LYS B 39 17.11 -31.54 2.83
C LYS B 39 17.90 -32.30 3.88
N GLN B 40 18.65 -31.57 4.70
CA GLN B 40 19.45 -32.16 5.75
C GLN B 40 18.63 -32.83 6.84
N GLY B 41 17.49 -32.24 7.20
CA GLY B 41 16.61 -32.85 8.19
C GLY B 41 15.70 -33.95 7.65
N ASN B 42 15.83 -34.24 6.35
CA ASN B 42 14.94 -35.14 5.59
C ASN B 42 13.47 -34.88 5.86
N LEU B 43 13.14 -33.61 5.91
CA LEU B 43 11.78 -33.18 6.15
C LEU B 43 11.03 -33.27 4.83
N ASP B 44 9.81 -33.80 4.92
CA ASP B 44 8.89 -33.89 3.81
C ASP B 44 8.22 -32.50 3.68
N VAL B 45 8.97 -31.54 3.15
CA VAL B 45 8.56 -30.15 3.09
C VAL B 45 9.02 -29.59 1.76
N GLU B 46 8.11 -29.03 0.98
CA GLU B 46 8.47 -28.34 -0.24
C GLU B 46 8.27 -26.85 0.03
N LEU B 47 9.33 -26.06 -0.12
CA LEU B 47 9.23 -24.63 0.15
C LEU B 47 8.92 -23.87 -1.12
N GLU B 48 8.02 -22.90 -1.03
CA GLU B 48 7.78 -21.99 -2.13
C GLU B 48 8.03 -20.55 -1.69
N PHE B 49 8.77 -19.78 -2.49
CA PHE B 49 9.22 -18.45 -2.06
C PHE B 49 8.61 -17.34 -2.87
N PHE B 50 8.20 -16.27 -2.19
CA PHE B 50 7.57 -15.15 -2.85
C PHE B 50 8.02 -13.86 -2.19
N GLN B 51 8.71 -12.99 -2.94
CA GLN B 51 9.01 -11.63 -2.47
C GLN B 51 8.22 -10.58 -3.25
N THR B 52 7.77 -9.54 -2.56
CA THR B 52 7.09 -8.44 -3.23
C THR B 52 7.14 -7.16 -2.44
N ASN B 53 7.11 -6.02 -3.15
CA ASN B 53 7.04 -4.72 -2.49
C ASN B 53 5.61 -4.20 -2.41
N PHE B 54 4.66 -5.00 -2.86
CA PHE B 54 3.26 -4.61 -2.96
C PHE B 54 2.44 -5.20 -1.85
N GLU B 55 1.75 -4.34 -1.11
CA GLU B 55 0.86 -4.82 -0.08
C GLU B 55 -0.21 -5.74 -0.71
N GLY B 56 -0.79 -5.30 -1.81
CA GLY B 56 -1.85 -6.08 -2.49
C GLY B 56 -1.42 -7.45 -3.00
N GLU B 57 -0.18 -7.58 -3.46
CA GLU B 57 0.38 -8.90 -3.84
C GLU B 57 0.55 -9.88 -2.67
N ILE B 58 0.85 -9.36 -1.48
CA ILE B 58 0.96 -10.16 -0.27
C ILE B 58 -0.41 -10.66 0.13
N ILE B 59 -1.40 -9.77 0.13
CA ILE B 59 -2.78 -10.18 0.42
C ILE B 59 -3.29 -11.19 -0.64
N ASP B 60 -3.07 -10.90 -1.92
CA ASP B 60 -3.44 -11.81 -3.03
C ASP B 60 -2.88 -13.20 -2.70
N LYS B 61 -1.59 -13.26 -2.41
CA LYS B 61 -0.87 -14.50 -2.13
C LYS B 61 -1.38 -15.30 -0.92
N ILE B 62 -1.72 -14.60 0.16
CA ILE B 62 -2.27 -15.21 1.36
C ILE B 62 -3.67 -15.73 1.08
N GLN B 63 -4.46 -14.95 0.36
CA GLN B 63 -5.78 -15.36 -0.12
C GLN B 63 -5.72 -16.59 -1.03
N GLU B 64 -4.79 -16.57 -1.98
CA GLU B 64 -4.59 -17.68 -2.94
C GLU B 64 -4.33 -19.00 -2.20
N SER B 65 -3.72 -18.91 -1.02
CA SER B 65 -3.36 -20.09 -0.26
C SER B 65 -4.57 -20.76 0.43
N VAL B 66 -5.71 -20.07 0.44
CA VAL B 66 -6.89 -20.59 1.13
C VAL B 66 -7.56 -21.61 0.21
N GLY B 67 -7.77 -22.82 0.72
CA GLY B 67 -8.19 -23.96 -0.11
C GLY B 67 -7.12 -24.48 -1.07
N SER B 68 -5.88 -24.05 -0.87
CA SER B 68 -4.79 -24.60 -1.65
C SER B 68 -4.20 -25.78 -0.88
N ASP B 69 -3.14 -26.37 -1.44
CA ASP B 69 -2.40 -27.41 -0.73
C ASP B 69 -1.18 -26.87 0.03
N TYR B 70 -1.20 -25.59 0.40
CA TYR B 70 -0.23 -25.05 1.37
C TYR B 70 -0.78 -25.28 2.74
N GLU B 71 0.06 -25.80 3.60
CA GLU B 71 -0.33 -26.16 4.94
C GLU B 71 0.05 -25.02 5.90
N GLY B 72 0.93 -24.12 5.46
CA GLY B 72 1.46 -23.08 6.38
C GLY B 72 2.14 -21.91 5.68
N ILE B 73 2.20 -20.77 6.37
CA ILE B 73 2.94 -19.59 5.89
C ILE B 73 3.99 -19.08 6.90
N ILE B 74 5.22 -18.85 6.41
CA ILE B 74 6.23 -18.09 7.11
C ILE B 74 6.27 -16.73 6.44
N ILE B 75 6.01 -15.65 7.19
CA ILE B 75 5.98 -14.29 6.61
C ILE B 75 6.91 -13.28 7.32
N ASN B 76 7.70 -12.55 6.53
CA ASN B 76 8.31 -11.29 6.98
C ASN B 76 7.66 -10.10 6.25
N PRO B 77 6.70 -9.40 6.88
CA PRO B 77 5.98 -8.40 6.08
C PRO B 77 6.74 -7.10 5.93
N GLY B 78 7.95 -7.05 6.47
CA GLY B 78 8.81 -5.90 6.34
C GLY B 78 8.12 -4.71 6.97
N ALA B 79 8.26 -3.55 6.35
CA ALA B 79 7.67 -2.36 6.94
C ALA B 79 6.14 -2.43 7.05
N PHE B 80 5.51 -3.25 6.23
CA PHE B 80 4.04 -3.40 6.28
C PHE B 80 3.57 -4.04 7.60
N SER B 81 4.48 -4.70 8.35
CA SER B 81 4.20 -5.18 9.71
C SER B 81 3.52 -4.10 10.54
N HIS B 82 4.05 -2.88 10.46
CA HIS B 82 3.69 -1.82 11.38
C HIS B 82 2.43 -1.08 10.96
N THR B 83 2.09 -1.14 9.67
CA THR B 83 1.03 -0.31 9.11
C THR B 83 -0.17 -1.08 8.51
N SER B 84 0.05 -2.30 8.03
CA SER B 84 -0.98 -2.99 7.24
C SER B 84 -1.99 -3.77 8.07
N ILE B 85 -3.13 -3.12 8.37
CA ILE B 85 -4.31 -3.76 8.95
C ILE B 85 -4.86 -4.73 7.89
N ALA B 86 -4.72 -4.37 6.63
CA ALA B 86 -5.16 -5.22 5.51
C ALA B 86 -4.46 -6.58 5.43
N ILE B 87 -3.15 -6.58 5.55
CA ILE B 87 -2.42 -7.83 5.65
C ILE B 87 -2.74 -8.60 6.94
N ALA B 88 -2.93 -7.95 8.09
CA ALA B 88 -3.41 -8.65 9.29
C ALA B 88 -4.76 -9.32 9.06
N ASP B 89 -5.70 -8.63 8.42
CA ASP B 89 -7.01 -9.17 8.07
C ASP B 89 -6.90 -10.44 7.20
N ALA B 90 -5.98 -10.42 6.25
CA ALA B 90 -5.69 -11.59 5.40
C ALA B 90 -5.13 -12.76 6.23
N ILE B 91 -4.16 -12.48 7.09
CA ILE B 91 -3.63 -13.48 8.03
C ILE B 91 -4.73 -14.10 8.90
N MET B 92 -5.62 -13.27 9.43
CA MET B 92 -6.68 -13.75 10.31
C MET B 92 -7.63 -14.76 9.64
N LEU B 93 -7.81 -14.64 8.34
CA LEU B 93 -8.70 -15.54 7.60
C LEU B 93 -7.88 -16.65 6.90
N ALA B 94 -6.58 -16.74 7.13
CA ALA B 94 -5.77 -17.71 6.38
C ALA B 94 -6.17 -19.16 6.66
N GLY B 95 -6.60 -19.45 7.89
CA GLY B 95 -7.03 -20.79 8.26
C GLY B 95 -5.91 -21.80 8.31
N LYS B 96 -4.70 -21.32 8.53
CA LYS B 96 -3.55 -22.20 8.63
C LYS B 96 -2.51 -21.46 9.47
N PRO B 97 -1.49 -22.18 10.00
CA PRO B 97 -0.48 -21.52 10.81
C PRO B 97 0.25 -20.44 10.00
N VAL B 98 0.44 -19.27 10.60
CA VAL B 98 1.24 -18.24 9.98
C VAL B 98 2.21 -17.80 11.07
N ILE B 99 3.51 -17.85 10.75
CA ILE B 99 4.55 -17.40 11.65
C ILE B 99 5.22 -16.14 11.08
N GLU B 100 5.35 -15.09 11.89
CA GLU B 100 6.05 -13.87 11.45
C GLU B 100 7.51 -13.92 11.83
N VAL B 101 8.37 -13.54 10.90
CA VAL B 101 9.81 -13.38 11.16
C VAL B 101 10.28 -11.97 10.85
N HIS B 102 11.15 -11.45 11.71
CA HIS B 102 11.92 -10.24 11.45
C HIS B 102 13.36 -10.57 11.66
N LEU B 103 14.20 -10.11 10.74
CA LEU B 103 15.65 -10.22 10.96
C LEU B 103 16.09 -9.45 12.18
N THR B 104 15.56 -8.26 12.38
CA THR B 104 15.99 -7.43 13.49
C THR B 104 14.99 -7.48 14.60
N ASN B 105 15.40 -7.02 15.77
CA ASN B 105 14.54 -6.92 16.90
C ASN B 105 13.76 -5.62 16.84
N ILE B 106 12.47 -5.71 16.62
CA ILE B 106 11.70 -4.52 16.38
C ILE B 106 11.26 -3.82 17.66
N GLN B 107 11.58 -4.43 18.81
CA GLN B 107 11.41 -3.77 20.09
C GLN B 107 12.56 -2.84 20.39
N ALA B 108 13.68 -3.02 19.69
CA ALA B 108 14.95 -2.33 20.00
C ALA B 108 15.29 -1.26 18.96
N ARG B 109 14.31 -0.75 18.22
CA ARG B 109 14.61 0.27 17.20
C ARG B 109 13.73 1.50 17.39
N GLU B 110 13.45 2.24 16.31
CA GLU B 110 12.55 3.41 16.37
C GLU B 110 11.19 3.05 16.94
N GLU B 111 10.51 3.99 17.58
CA GLU B 111 9.18 3.73 18.12
C GLU B 111 8.19 3.26 17.07
N PHE B 112 8.35 3.72 15.86
CA PHE B 112 7.36 3.40 14.84
C PHE B 112 7.39 1.95 14.39
N ARG B 113 8.45 1.23 14.77
CA ARG B 113 8.57 -0.19 14.44
C ARG B 113 8.04 -1.13 15.53
N LYS B 114 7.62 -0.58 16.67
CA LYS B 114 7.22 -1.44 17.77
C LYS B 114 5.86 -2.11 17.53
N ASN B 115 4.92 -1.40 16.94
CA ASN B 115 3.64 -2.05 16.62
C ASN B 115 3.74 -3.03 15.47
N SER B 116 3.24 -4.26 15.64
CA SER B 116 3.12 -5.11 14.50
C SER B 116 1.71 -5.62 14.37
N TYR B 117 0.90 -5.02 13.49
CA TYR B 117 -0.46 -5.54 13.27
C TYR B 117 -0.44 -6.98 12.76
N THR B 118 0.53 -7.29 11.90
CA THR B 118 0.55 -8.59 11.25
C THR B 118 1.00 -9.64 12.27
N GLY B 119 1.93 -9.23 13.12
CA GLY B 119 2.48 -10.09 14.16
C GLY B 119 1.45 -10.52 15.18
N ALA B 120 0.62 -9.57 15.59
CA ALA B 120 -0.49 -9.82 16.46
C ALA B 120 -1.50 -10.78 15.88
N ALA B 121 -1.58 -10.89 14.56
CA ALA B 121 -2.55 -11.82 13.96
C ALA B 121 -1.93 -13.16 13.73
N CYS B 122 -0.61 -13.21 13.71
CA CYS B 122 0.11 -14.48 13.56
C CYS B 122 0.08 -15.28 14.85
N GLY B 123 0.20 -16.60 14.75
CA GLY B 123 0.24 -17.40 15.97
C GLY B 123 1.48 -17.03 16.79
N GLY B 124 2.58 -16.87 16.11
CA GLY B 124 3.89 -16.76 16.75
C GLY B 124 4.80 -15.80 16.00
N VAL B 125 5.74 -15.19 16.72
CA VAL B 125 6.63 -14.18 16.16
C VAL B 125 8.08 -14.46 16.60
N ILE B 126 9.00 -14.35 15.65
CA ILE B 126 10.44 -14.51 15.87
C ILE B 126 11.17 -13.26 15.40
N MET B 127 12.03 -12.68 16.24
CA MET B 127 12.74 -11.49 15.84
C MET B 127 14.13 -11.34 16.46
N GLY B 128 15.05 -10.83 15.65
CA GLY B 128 16.34 -10.42 16.12
C GLY B 128 17.44 -11.46 16.04
N PHE B 129 17.21 -12.53 15.29
CA PHE B 129 18.18 -13.62 15.09
C PHE B 129 18.82 -13.55 13.68
N GLY B 130 18.57 -12.48 12.94
CA GLY B 130 19.00 -12.46 11.55
C GLY B 130 18.39 -13.61 10.76
N PRO B 131 19.10 -14.08 9.70
CA PRO B 131 18.67 -15.14 8.77
C PRO B 131 18.27 -16.42 9.49
N LEU B 132 18.94 -16.70 10.58
CA LEU B 132 18.61 -17.86 11.44
C LEU B 132 17.13 -17.93 11.83
N GLY B 133 16.51 -16.76 11.98
CA GLY B 133 15.11 -16.71 12.33
C GLY B 133 14.23 -17.48 11.39
N TYR B 134 14.64 -17.58 10.12
CA TYR B 134 13.84 -18.29 9.15
C TYR B 134 13.95 -19.80 9.35
N ASN B 135 15.14 -20.26 9.73
CA ASN B 135 15.31 -21.69 10.06
C ASN B 135 14.57 -22.06 11.35
N MET B 136 14.49 -21.11 12.28
CA MET B 136 13.71 -21.26 13.51
C MET B 136 12.24 -21.38 13.20
N ALA B 137 11.74 -20.60 12.24
CA ALA B 137 10.33 -20.68 11.81
C ALA B 137 10.04 -21.98 11.11
N LEU B 138 11.00 -22.47 10.32
CA LEU B 138 10.90 -23.79 9.72
C LEU B 138 10.75 -24.86 10.77
N MET B 139 11.70 -24.94 11.71
CA MET B 139 11.59 -25.88 12.83
C MET B 139 10.21 -25.82 13.49
N ALA B 140 9.70 -24.61 13.72
CA ALA B 140 8.46 -24.43 14.42
C ALA B 140 7.31 -24.92 13.59
N MET B 141 7.28 -24.58 12.30
CA MET B 141 6.17 -24.92 11.41
C MET B 141 5.96 -26.45 11.29
N VAL B 142 7.06 -27.17 11.10
CA VAL B 142 7.09 -28.63 11.10
C VAL B 142 6.48 -29.21 12.38
N ASN B 143 6.95 -28.76 13.54
CA ASN B 143 6.43 -29.18 14.82
C ASN B 143 4.96 -28.82 15.01
N ILE B 144 4.57 -27.62 14.62
CA ILE B 144 3.16 -27.21 14.66
C ILE B 144 2.27 -28.11 13.79
N LEU B 145 2.73 -28.40 12.57
CA LEU B 145 1.93 -29.18 11.63
C LEU B 145 1.82 -30.64 12.06
N ALA B 146 2.90 -31.21 12.60
CA ALA B 146 2.87 -32.57 13.19
C ALA B 146 1.82 -32.67 14.30
N GLU B 147 1.94 -31.80 15.28
CA GLU B 147 0.98 -31.66 16.38
C GLU B 147 -0.45 -31.59 15.88
N MET B 148 -0.67 -30.81 14.83
CA MET B 148 -1.99 -30.65 14.25
C MET B 148 -2.49 -31.95 13.65
N LYS B 149 -1.60 -32.69 13.00
CA LYS B 149 -1.97 -33.96 12.36
C LYS B 149 -2.32 -35.00 13.42
N ALA B 150 -1.46 -35.16 14.41
CA ALA B 150 -1.70 -36.09 15.50
C ALA B 150 -3.02 -35.78 16.23
N PHE B 151 -3.29 -34.50 16.48
CA PHE B 151 -4.56 -34.12 17.08
C PHE B 151 -5.72 -34.55 16.19
N GLN B 152 -5.61 -34.35 14.89
CA GLN B 152 -6.72 -34.59 13.95
C GLN B 152 -7.08 -36.08 13.76
N GLU B 153 -6.05 -36.93 13.69
CA GLU B 153 -6.25 -38.37 13.55
C GLU B 153 -6.82 -38.98 14.84
N ALA B 154 -6.25 -38.57 15.97
CA ALA B 154 -6.63 -39.07 17.30
C ALA B 154 -8.03 -38.61 17.79
N GLN B 155 -8.60 -37.62 17.10
CA GLN B 155 -10.00 -37.20 17.35
C GLN B 155 -10.96 -37.90 16.41
N LYS B 156 -10.52 -38.20 15.19
CA LYS B 156 -11.36 -38.87 14.19
C LYS B 156 -11.60 -40.34 14.55
N ASN B 157 -10.69 -40.93 15.33
CA ASN B 157 -10.92 -42.27 15.91
C ASN B 157 -11.58 -42.17 17.31
N ASN B 158 -12.27 -41.06 17.54
CA ASN B 158 -13.13 -40.82 18.70
C ASN B 158 -14.16 -39.70 18.44
N MET C 1 -27.63 5.84 -15.90
CA MET C 1 -26.96 6.29 -14.66
C MET C 1 -26.10 5.15 -14.16
N LYS C 2 -24.80 5.26 -14.40
CA LYS C 2 -23.83 4.27 -13.96
C LYS C 2 -23.30 4.64 -12.59
N ILE C 3 -23.37 3.67 -11.69
CA ILE C 3 -22.88 3.77 -10.34
C ILE C 3 -21.77 2.75 -10.29
N LEU C 4 -20.59 3.19 -9.85
CA LEU C 4 -19.47 2.29 -9.64
C LEU C 4 -19.46 1.85 -8.19
N VAL C 5 -19.38 0.54 -7.96
CA VAL C 5 -19.27 -0.03 -6.60
C VAL C 5 -17.85 -0.55 -6.44
N ILE C 6 -17.09 0.06 -5.53
CA ILE C 6 -15.72 -0.38 -5.31
C ILE C 6 -15.60 -1.09 -3.98
N GLN C 7 -15.01 -2.29 -3.99
CA GLN C 7 -14.91 -3.18 -2.83
C GLN C 7 -13.45 -3.40 -2.57
N GLY C 8 -13.02 -3.08 -1.36
CA GLY C 8 -11.58 -3.09 -1.05
C GLY C 8 -10.98 -4.40 -0.61
N PRO C 9 -9.78 -4.36 0.06
CA PRO C 9 -9.05 -5.56 0.40
C PRO C 9 -9.85 -6.58 1.24
N ASN C 10 -9.75 -7.85 0.86
CA ASN C 10 -10.38 -8.98 1.56
C ASN C 10 -11.89 -9.11 1.44
N LEU C 11 -12.57 -8.17 0.81
CA LEU C 11 -14.01 -8.27 0.62
C LEU C 11 -14.37 -9.45 -0.25
N ASN C 12 -13.45 -9.84 -1.14
CA ASN C 12 -13.64 -11.02 -2.01
C ASN C 12 -13.68 -12.34 -1.23
N MET C 13 -13.20 -12.30 0.01
CA MET C 13 -13.21 -13.45 0.90
C MET C 13 -14.49 -13.65 1.69
N LEU C 14 -15.48 -12.77 1.53
CA LEU C 14 -16.79 -13.00 2.14
C LEU C 14 -17.41 -14.31 1.66
N GLY C 15 -18.02 -15.03 2.60
CA GLY C 15 -18.47 -16.39 2.39
C GLY C 15 -17.33 -17.30 2.82
N HIS C 16 -16.25 -17.27 2.04
CA HIS C 16 -15.11 -18.18 2.12
C HIS C 16 -14.31 -18.08 3.44
N ARG C 17 -14.83 -17.24 4.33
CA ARG C 17 -14.80 -17.45 5.80
C ARG C 17 -14.61 -16.28 6.77
N ASP C 18 -14.89 -16.64 8.04
CA ASP C 18 -15.37 -15.83 9.19
C ASP C 18 -16.87 -15.47 9.12
N PRO C 19 -17.75 -16.50 9.01
CA PRO C 19 -19.18 -16.19 8.92
C PRO C 19 -19.77 -15.74 10.27
N ARG C 20 -19.00 -15.91 11.35
CA ARG C 20 -19.41 -15.49 12.70
C ARG C 20 -19.39 -13.97 12.99
N LEU C 21 -19.14 -13.16 11.95
CA LEU C 21 -19.13 -11.67 12.05
C LEU C 21 -19.39 -11.02 10.68
N TYR C 22 -19.21 -11.80 9.61
CA TYR C 22 -19.43 -11.36 8.21
C TYR C 22 -20.52 -12.17 7.45
N GLY C 23 -20.73 -13.44 7.83
CA GLY C 23 -21.73 -14.33 7.19
C GLY C 23 -21.26 -15.13 5.97
N MET C 24 -22.06 -16.14 5.56
CA MET C 24 -21.75 -17.06 4.43
C MET C 24 -22.18 -16.56 3.02
N VAL C 25 -22.87 -15.42 2.98
CA VAL C 25 -23.15 -14.67 1.76
C VAL C 25 -21.82 -14.17 1.15
N THR C 26 -21.61 -14.42 -0.13
CA THR C 26 -20.40 -13.98 -0.80
C THR C 26 -20.54 -12.57 -1.37
N LEU C 27 -19.44 -12.01 -1.85
CA LEU C 27 -19.44 -10.70 -2.46
C LEU C 27 -20.28 -10.68 -3.75
N ASP C 28 -20.16 -11.72 -4.56
CA ASP C 28 -20.94 -11.85 -5.81
C ASP C 28 -22.44 -11.91 -5.52
N GLN C 29 -22.78 -12.54 -4.42
CA GLN C 29 -24.14 -12.55 -3.90
C GLN C 29 -24.66 -11.17 -3.43
N ILE C 30 -23.80 -10.36 -2.81
CA ILE C 30 -24.15 -9.01 -2.45
C ILE C 30 -24.43 -8.19 -3.73
N HIS C 31 -23.66 -8.43 -4.78
CA HIS C 31 -23.81 -7.69 -6.02
C HIS C 31 -25.10 -8.08 -6.76
N GLU C 32 -25.55 -9.31 -6.55
CA GLU C 32 -26.81 -9.79 -7.10
C GLU C 32 -27.96 -9.11 -6.35
N ILE C 33 -27.78 -8.95 -5.04
CA ILE C 33 -28.78 -8.37 -4.15
C ILE C 33 -28.97 -6.90 -4.49
N MET C 34 -27.89 -6.24 -4.89
CA MET C 34 -27.96 -4.85 -5.34
C MET C 34 -28.71 -4.68 -6.67
N GLN C 35 -28.51 -5.62 -7.59
CA GLN C 35 -29.23 -5.64 -8.87
C GLN C 35 -30.71 -5.90 -8.64
N THR C 36 -31.03 -6.80 -7.71
CA THR C 36 -32.39 -7.11 -7.33
C THR C 36 -33.08 -5.85 -6.81
N PHE C 37 -32.35 -5.08 -6.03
CA PHE C 37 -32.86 -3.86 -5.45
C PHE C 37 -33.15 -2.84 -6.55
N VAL C 38 -32.28 -2.77 -7.56
CA VAL C 38 -32.44 -1.83 -8.67
C VAL C 38 -33.74 -2.13 -9.42
N LYS C 39 -33.96 -3.41 -9.71
CA LYS C 39 -35.13 -3.85 -10.51
C LYS C 39 -36.42 -3.76 -9.71
N GLN C 40 -36.36 -4.21 -8.46
CA GLN C 40 -37.51 -4.18 -7.57
C GLN C 40 -38.05 -2.77 -7.34
N GLY C 41 -37.19 -1.75 -7.34
CA GLY C 41 -37.64 -0.38 -7.22
C GLY C 41 -37.67 0.32 -8.56
N ASN C 42 -37.30 -0.40 -9.61
CA ASN C 42 -37.30 0.12 -10.98
C ASN C 42 -36.47 1.41 -11.08
N LEU C 43 -35.34 1.43 -10.36
CA LEU C 43 -34.41 2.57 -10.34
C LEU C 43 -33.58 2.53 -11.61
N ASP C 44 -33.41 3.67 -12.26
CA ASP C 44 -32.72 3.67 -13.52
C ASP C 44 -31.21 3.73 -13.26
N VAL C 45 -30.66 2.64 -12.73
CA VAL C 45 -29.22 2.61 -12.51
C VAL C 45 -28.60 1.37 -13.12
N GLU C 46 -27.36 1.53 -13.59
CA GLU C 46 -26.59 0.42 -14.12
C GLU C 46 -25.32 0.37 -13.28
N LEU C 47 -25.17 -0.67 -12.50
CA LEU C 47 -24.03 -0.82 -11.59
C LEU C 47 -22.83 -1.43 -12.31
N GLU C 48 -21.62 -1.02 -11.91
CA GLU C 48 -20.40 -1.75 -12.25
C GLU C 48 -19.67 -2.05 -10.96
N PHE C 49 -19.23 -3.28 -10.80
CA PHE C 49 -18.55 -3.71 -9.55
C PHE C 49 -17.08 -3.94 -9.76
N PHE C 50 -16.25 -3.49 -8.79
CA PHE C 50 -14.81 -3.67 -8.86
C PHE C 50 -14.27 -4.01 -7.47
N GLN C 51 -13.53 -5.12 -7.35
CA GLN C 51 -12.90 -5.49 -6.09
C GLN C 51 -11.41 -5.59 -6.31
N THR C 52 -10.64 -5.18 -5.31
CA THR C 52 -9.20 -5.27 -5.38
C THR C 52 -8.58 -5.22 -3.99
N ASN C 53 -7.39 -5.78 -3.86
CA ASN C 53 -6.65 -5.77 -2.61
C ASN C 53 -5.53 -4.74 -2.71
N PHE C 54 -5.48 -4.02 -3.82
CA PHE C 54 -4.46 -3.00 -4.04
C PHE C 54 -4.96 -1.60 -3.80
N GLU C 55 -4.27 -0.89 -2.91
CA GLU C 55 -4.56 0.51 -2.67
C GLU C 55 -4.50 1.30 -4.00
N GLY C 56 -3.45 1.08 -4.78
CA GLY C 56 -3.21 1.79 -6.05
C GLY C 56 -4.29 1.59 -7.10
N GLU C 57 -4.88 0.39 -7.13
CA GLU C 57 -6.01 0.05 -8.03
C GLU C 57 -7.34 0.73 -7.65
N ILE C 58 -7.60 0.87 -6.36
CA ILE C 58 -8.68 1.73 -5.87
C ILE C 58 -8.45 3.18 -6.27
N ILE C 59 -7.22 3.69 -6.14
CA ILE C 59 -6.93 5.05 -6.52
C ILE C 59 -7.10 5.27 -8.04
N ASP C 60 -6.52 4.38 -8.85
CA ASP C 60 -6.61 4.41 -10.32
C ASP C 60 -8.09 4.46 -10.76
N LYS C 61 -8.88 3.61 -10.13
CA LYS C 61 -10.29 3.46 -10.44
C LYS C 61 -11.14 4.68 -10.15
N ILE C 62 -10.96 5.31 -8.98
CA ILE C 62 -11.64 6.57 -8.60
C ILE C 62 -11.25 7.71 -9.54
N GLN C 63 -9.95 7.79 -9.83
CA GLN C 63 -9.40 8.72 -10.79
C GLN C 63 -10.02 8.53 -12.16
N GLU C 64 -10.14 7.27 -12.59
CA GLU C 64 -10.63 6.94 -13.92
C GLU C 64 -12.08 7.36 -14.06
N SER C 65 -12.81 7.36 -12.95
CA SER C 65 -14.20 7.79 -12.96
C SER C 65 -14.38 9.32 -13.16
N VAL C 66 -13.29 10.09 -13.08
CA VAL C 66 -13.36 11.53 -13.22
C VAL C 66 -13.56 11.88 -14.69
N GLY C 67 -14.64 12.60 -14.97
CA GLY C 67 -15.00 12.92 -16.37
C GLY C 67 -15.28 11.64 -17.15
N SER C 68 -15.94 10.69 -16.51
CA SER C 68 -16.44 9.50 -17.18
C SER C 68 -17.94 9.60 -17.06
N ASP C 69 -18.68 8.57 -17.45
CA ASP C 69 -20.14 8.62 -17.31
C ASP C 69 -20.65 7.94 -16.04
N TYR C 70 -19.71 7.61 -15.16
CA TYR C 70 -20.03 7.22 -13.80
C TYR C 70 -20.51 8.45 -13.04
N GLU C 71 -21.67 8.38 -12.43
CA GLU C 71 -22.24 9.56 -11.76
C GLU C 71 -22.03 9.54 -10.24
N GLY C 72 -21.61 8.40 -9.73
CA GLY C 72 -21.44 8.23 -8.28
C GLY C 72 -20.69 6.96 -7.95
N ILE C 73 -20.09 6.92 -6.75
CA ILE C 73 -19.32 5.77 -6.29
C ILE C 73 -19.83 5.32 -4.92
N ILE C 74 -20.07 4.02 -4.76
CA ILE C 74 -20.30 3.42 -3.48
C ILE C 74 -19.02 2.63 -3.17
N ILE C 75 -18.40 2.91 -2.03
CA ILE C 75 -17.12 2.27 -1.71
C ILE C 75 -17.04 1.64 -0.33
N ASN C 76 -16.49 0.44 -0.26
CA ASN C 76 -16.07 -0.17 1.02
C ASN C 76 -14.58 -0.40 0.90
N PRO C 77 -13.75 0.56 1.37
CA PRO C 77 -12.31 0.48 1.23
C PRO C 77 -11.63 -0.53 2.15
N GLY C 78 -12.40 -1.22 2.97
CA GLY C 78 -11.90 -2.31 3.78
C GLY C 78 -10.94 -1.75 4.81
N ALA C 79 -9.85 -2.45 5.06
CA ALA C 79 -8.89 -1.97 6.07
C ALA C 79 -8.14 -0.68 5.66
N PHE C 80 -8.12 -0.40 4.37
CA PHE C 80 -7.61 0.85 3.87
C PHE C 80 -8.43 2.06 4.35
N SER C 81 -9.65 1.87 4.87
CA SER C 81 -10.41 2.99 5.45
C SER C 81 -9.57 3.68 6.53
N HIS C 82 -8.83 2.91 7.31
CA HIS C 82 -8.24 3.43 8.55
C HIS C 82 -6.88 3.98 8.33
N THR C 83 -6.33 3.71 7.16
CA THR C 83 -4.93 4.01 6.89
C THR C 83 -4.66 4.90 5.66
N SER C 84 -5.58 4.89 4.69
CA SER C 84 -5.30 5.42 3.35
C SER C 84 -5.67 6.87 3.16
N ILE C 85 -4.70 7.74 3.47
CA ILE C 85 -4.78 9.16 3.14
C ILE C 85 -4.86 9.32 1.63
N ALA C 86 -4.19 8.44 0.87
CA ALA C 86 -4.12 8.51 -0.61
C ALA C 86 -5.48 8.26 -1.26
N ILE C 87 -6.18 7.22 -0.76
CA ILE C 87 -7.55 6.96 -1.16
C ILE C 87 -8.47 8.13 -0.72
N ALA C 88 -8.30 8.71 0.49
CA ALA C 88 -9.12 9.87 0.86
C ALA C 88 -8.88 11.05 -0.06
N ASP C 89 -7.64 11.26 -0.50
CA ASP C 89 -7.30 12.40 -1.37
C ASP C 89 -7.98 12.18 -2.73
N ALA C 90 -7.93 10.94 -3.20
CA ALA C 90 -8.63 10.54 -4.42
C ALA C 90 -10.15 10.80 -4.32
N ILE C 91 -10.78 10.35 -3.24
CA ILE C 91 -12.21 10.63 -2.98
C ILE C 91 -12.49 12.13 -3.01
N MET C 92 -11.62 12.94 -2.42
CA MET C 92 -11.79 14.39 -2.39
C MET C 92 -11.83 15.06 -3.77
N LEU C 93 -11.20 14.47 -4.76
CA LEU C 93 -11.07 15.09 -6.07
C LEU C 93 -11.98 14.40 -7.06
N ALA C 94 -12.82 13.49 -6.58
CA ALA C 94 -13.61 12.67 -7.50
C ALA C 94 -14.68 13.45 -8.27
N GLY C 95 -15.18 14.53 -7.66
CA GLY C 95 -16.16 15.39 -8.32
C GLY C 95 -17.56 14.84 -8.46
N LYS C 96 -17.95 13.94 -7.57
CA LYS C 96 -19.25 13.28 -7.61
C LYS C 96 -19.53 12.68 -6.25
N PRO C 97 -20.79 12.30 -6.00
CA PRO C 97 -21.11 11.68 -4.72
C PRO C 97 -20.29 10.40 -4.46
N VAL C 98 -19.67 10.31 -3.29
CA VAL C 98 -19.06 9.06 -2.87
C VAL C 98 -19.62 8.70 -1.52
N ILE C 99 -20.05 7.44 -1.39
CA ILE C 99 -20.66 6.93 -0.16
C ILE C 99 -19.86 5.70 0.36
N GLU C 100 -19.54 5.73 1.64
CA GLU C 100 -18.78 4.63 2.27
C GLU C 100 -19.72 3.64 2.96
N VAL C 101 -19.46 2.36 2.77
CA VAL C 101 -20.21 1.30 3.44
C VAL C 101 -19.23 0.41 4.17
N HIS C 102 -19.62 -0.03 5.36
CA HIS C 102 -18.96 -1.10 6.07
C HIS C 102 -20.02 -2.09 6.50
N LEU C 103 -19.71 -3.36 6.35
CA LEU C 103 -20.62 -4.43 6.82
C LEU C 103 -20.71 -4.43 8.36
N THR C 104 -19.60 -4.20 9.03
CA THR C 104 -19.59 -4.15 10.48
C THR C 104 -19.59 -2.75 11.00
N ASN C 105 -19.98 -2.62 12.26
CA ASN C 105 -19.95 -1.37 12.97
C ASN C 105 -18.54 -1.04 13.45
N ILE C 106 -17.89 -0.10 12.78
CA ILE C 106 -16.49 0.18 13.05
C ILE C 106 -16.25 1.06 14.24
N GLN C 107 -17.33 1.56 14.86
CA GLN C 107 -17.25 2.17 16.18
C GLN C 107 -17.25 1.09 17.26
N ALA C 108 -17.60 -0.16 16.92
CA ALA C 108 -17.83 -1.19 17.95
C ALA C 108 -16.81 -2.34 17.94
N ARG C 109 -15.62 -2.11 17.37
CA ARG C 109 -14.57 -3.15 17.35
C ARG C 109 -13.27 -2.62 17.95
N GLU C 110 -12.12 -3.01 17.40
CA GLU C 110 -10.84 -2.53 17.89
C GLU C 110 -10.70 -1.02 17.70
N GLU C 111 -9.85 -0.42 18.51
CA GLU C 111 -9.60 0.98 18.47
C GLU C 111 -8.97 1.43 17.17
N PHE C 112 -8.12 0.60 16.56
CA PHE C 112 -7.48 0.93 15.27
C PHE C 112 -8.47 1.00 14.09
N ARG C 113 -9.69 0.49 14.30
CA ARG C 113 -10.70 0.58 13.24
C ARG C 113 -11.62 1.78 13.35
N LYS C 114 -11.47 2.59 14.39
CA LYS C 114 -12.41 3.69 14.57
C LYS C 114 -12.18 4.82 13.55
N ASN C 115 -10.92 5.10 13.26
CA ASN C 115 -10.61 6.15 12.29
C ASN C 115 -10.96 5.68 10.90
N SER C 116 -11.62 6.54 10.11
CA SER C 116 -11.74 6.29 8.69
C SER C 116 -11.40 7.57 7.97
N TYR C 117 -10.17 7.63 7.46
CA TYR C 117 -9.77 8.73 6.60
C TYR C 117 -10.68 8.82 5.39
N THR C 118 -11.02 7.67 4.83
CA THR C 118 -11.88 7.63 3.63
C THR C 118 -13.31 8.12 3.89
N GLY C 119 -13.90 7.72 5.03
CA GLY C 119 -15.27 8.12 5.37
C GLY C 119 -15.40 9.60 5.67
N ALA C 120 -14.36 10.18 6.24
CA ALA C 120 -14.25 11.62 6.45
C ALA C 120 -14.28 12.38 5.13
N ALA C 121 -13.83 11.78 4.04
CA ALA C 121 -13.84 12.40 2.71
C ALA C 121 -15.15 12.15 2.00
N CYS C 122 -15.86 11.09 2.38
CA CYS C 122 -17.12 10.75 1.72
C CYS C 122 -18.26 11.65 2.17
N GLY C 123 -19.27 11.77 1.32
CA GLY C 123 -20.43 12.53 1.75
C GLY C 123 -21.12 11.94 2.97
N GLY C 124 -21.15 10.62 3.06
CA GLY C 124 -21.92 9.89 4.06
C GLY C 124 -21.32 8.51 4.24
N VAL C 125 -21.58 7.91 5.41
CA VAL C 125 -21.03 6.63 5.84
C VAL C 125 -22.14 5.75 6.44
N ILE C 126 -22.14 4.49 6.02
CA ILE C 126 -23.09 3.49 6.50
C ILE C 126 -22.36 2.30 7.08
N MET C 127 -22.64 1.95 8.34
CA MET C 127 -21.98 0.83 8.97
C MET C 127 -22.88 -0.02 9.86
N GLY C 128 -22.66 -1.31 9.79
CA GLY C 128 -23.17 -2.15 10.80
C GLY C 128 -24.39 -2.94 10.40
N PHE C 129 -24.79 -2.80 9.13
CA PHE C 129 -26.02 -3.43 8.57
C PHE C 129 -25.80 -4.69 7.74
N GLY C 130 -24.54 -5.09 7.61
CA GLY C 130 -24.15 -6.17 6.72
C GLY C 130 -24.44 -5.83 5.29
N PRO C 131 -24.69 -6.86 4.47
CA PRO C 131 -24.99 -6.70 3.06
C PRO C 131 -26.01 -5.61 2.76
N LEU C 132 -27.04 -5.48 3.60
CA LEU C 132 -28.08 -4.47 3.39
C LEU C 132 -27.55 -3.06 3.24
N GLY C 133 -26.44 -2.76 3.93
CA GLY C 133 -25.75 -1.46 3.82
C GLY C 133 -25.60 -0.94 2.39
N TYR C 134 -25.38 -1.85 1.45
CA TYR C 134 -25.12 -1.48 0.07
C TYR C 134 -26.39 -1.04 -0.70
N ASN C 135 -27.53 -1.61 -0.34
CA ASN C 135 -28.84 -1.19 -0.84
C ASN C 135 -29.24 0.12 -0.21
N MET C 136 -28.95 0.27 1.07
CA MET C 136 -29.06 1.58 1.73
C MET C 136 -28.31 2.67 1.00
N ALA C 137 -27.10 2.37 0.55
CA ALA C 137 -26.26 3.33 -0.17
C ALA C 137 -26.78 3.62 -1.58
N LEU C 138 -27.30 2.59 -2.24
CA LEU C 138 -27.95 2.73 -3.55
C LEU C 138 -29.07 3.74 -3.47
N MET C 139 -29.93 3.54 -2.50
CA MET C 139 -31.07 4.43 -2.22
C MET C 139 -30.67 5.88 -1.97
N ALA C 140 -29.59 6.09 -1.23
CA ALA C 140 -29.13 7.43 -0.97
C ALA C 140 -28.58 8.03 -2.23
N MET C 141 -27.83 7.24 -2.99
CA MET C 141 -27.18 7.68 -4.23
C MET C 141 -28.23 8.19 -5.21
N VAL C 142 -29.32 7.45 -5.36
CA VAL C 142 -30.39 7.87 -6.26
C VAL C 142 -30.97 9.23 -5.86
N ASN C 143 -31.37 9.34 -4.59
CA ASN C 143 -31.90 10.59 -4.06
C ASN C 143 -30.91 11.75 -4.16
N ILE C 144 -29.64 11.48 -3.90
CA ILE C 144 -28.61 12.52 -3.98
C ILE C 144 -28.49 13.09 -5.42
N LEU C 145 -28.46 12.18 -6.40
CA LEU C 145 -28.27 12.54 -7.81
C LEU C 145 -29.51 13.21 -8.41
N ALA C 146 -30.69 12.70 -8.04
CA ALA C 146 -31.99 13.24 -8.46
C ALA C 146 -32.11 14.67 -7.99
N GLU C 147 -31.77 14.86 -6.71
CA GLU C 147 -31.74 16.16 -6.04
C GLU C 147 -30.74 17.12 -6.68
N MET C 148 -29.54 16.62 -7.01
CA MET C 148 -28.55 17.39 -7.76
C MET C 148 -29.08 17.77 -9.14
N LYS C 149 -29.87 16.88 -9.74
CA LYS C 149 -30.41 17.13 -11.08
C LYS C 149 -31.55 18.15 -11.04
N ALA C 150 -32.28 18.21 -9.93
CA ALA C 150 -33.29 19.25 -9.71
C ALA C 150 -32.64 20.61 -9.58
N PHE C 151 -31.50 20.66 -8.91
CA PHE C 151 -30.72 21.88 -8.80
C PHE C 151 -30.10 22.25 -10.15
N GLN C 152 -29.88 21.25 -11.00
CA GLN C 152 -29.39 21.50 -12.36
C GLN C 152 -30.49 22.19 -13.15
N GLU C 153 -31.51 21.42 -13.53
CA GLU C 153 -32.64 21.87 -14.36
C GLU C 153 -33.27 23.19 -13.87
N ALA C 154 -33.76 23.20 -12.62
CA ALA C 154 -34.30 24.41 -12.01
C ALA C 154 -33.19 25.42 -11.62
N GLN C 155 -32.25 25.64 -12.54
CA GLN C 155 -31.26 26.72 -12.46
C GLN C 155 -30.80 27.16 -13.85
#